data_2P6Z
#
_entry.id   2P6Z
#
_cell.length_a   29.795
_cell.length_b   44.607
_cell.length_c   46.054
_cell.angle_alpha   116.56
_cell.angle_beta   83.19
_cell.angle_gamma   103.68
#
_symmetry.space_group_name_H-M   'P 1'
#
loop_
_entity.id
_entity.type
_entity.pdbx_description
1 polymer 'Recombinant Amphinase-2'
2 non-polymer 'SODIUM ION'
3 non-polymer 'CITRIC ACID'
4 water water
#
_entity_poly.entity_id   1
_entity_poly.type   'polypeptide(L)'
_entity_poly.pdbx_seq_one_letter_code
;MKPKEDREWEKFKTKHITSQSVADFNCNRTMNDPAYTPDGQCKPINTFIHSTTGPVKEICRRATGRVNKSSTQQFTLTTC
KNPIRCKYSQSNTTNFICITCRDNYPVHFVKTGKC
;
_entity_poly.pdbx_strand_id   A,B
#
loop_
_chem_comp.id
_chem_comp.type
_chem_comp.name
_chem_comp.formula
CIT non-polymer 'CITRIC ACID' 'C6 H8 O7'
NA non-polymer 'SODIUM ION' 'Na 1'
#
# COMPACT_ATOMS: atom_id res chain seq x y z
N LYS A 4 2.55 1.52 20.80
CA LYS A 4 1.27 1.67 21.55
C LYS A 4 0.11 1.16 20.68
N GLU A 5 -0.18 -0.13 20.80
CA GLU A 5 -1.12 -0.79 19.88
C GLU A 5 -2.55 -0.21 19.86
N ASP A 6 -3.09 0.23 20.99
CA ASP A 6 -4.40 0.89 20.97
C ASP A 6 -4.42 2.19 20.14
N ARG A 7 -3.35 3.00 20.24
CA ARG A 7 -3.23 4.23 19.43
C ARG A 7 -2.94 3.97 17.95
N GLU A 8 -2.20 2.90 17.68
CA GLU A 8 -2.02 2.44 16.30
C GLU A 8 -3.36 2.00 15.70
N TRP A 9 -4.16 1.28 16.51
CA TRP A 9 -5.52 0.90 16.14
C TRP A 9 -6.41 2.12 15.86
N GLU A 10 -6.27 3.17 16.67
CA GLU A 10 -7.06 4.39 16.49
CA GLU A 10 -7.06 4.38 16.49
C GLU A 10 -6.69 5.09 15.20
N LYS A 11 -5.40 5.09 14.89
CA LYS A 11 -4.90 5.65 13.65
C LYS A 11 -5.46 4.85 12.46
N PHE A 12 -5.42 3.52 12.58
CA PHE A 12 -5.96 2.63 11.54
C PHE A 12 -7.45 2.90 11.31
N LYS A 13 -8.22 2.98 12.40
CA LYS A 13 -9.67 3.24 12.32
C LYS A 13 -9.97 4.51 11.56
N THR A 14 -9.33 5.60 11.99
CA THR A 14 -9.49 6.91 11.40
CA THR A 14 -9.60 6.88 11.36
C THR A 14 -9.16 6.91 9.90
N LYS A 15 -8.06 6.23 9.56
CA LYS A 15 -7.52 6.25 8.20
C LYS A 15 -8.23 5.26 7.25
N HIS A 16 -8.71 4.15 7.79
CA HIS A 16 -9.19 3.04 6.93
C HIS A 16 -10.61 2.52 7.17
N ILE A 17 -11.25 2.95 8.25
CA ILE A 17 -12.63 2.50 8.51
C ILE A 17 -13.58 3.68 8.41
N THR A 18 -14.59 3.53 7.58
CA THR A 18 -15.57 4.61 7.43
C THR A 18 -16.94 4.22 8.00
N SER A 19 -17.55 5.19 8.65
CA SER A 19 -18.90 5.06 9.21
C SER A 19 -19.98 5.40 8.17
N GLN A 20 -19.57 5.88 6.99
CA GLN A 20 -20.50 6.29 5.94
C GLN A 20 -20.88 5.16 4.99
N SER A 21 -22.07 5.26 4.41
CA SER A 21 -22.51 4.35 3.37
C SER A 21 -21.67 4.56 2.11
N VAL A 22 -21.70 3.58 1.20
CA VAL A 22 -21.02 3.69 -0.07
C VAL A 22 -21.48 4.91 -0.87
N ALA A 23 -22.80 5.15 -0.85
CA ALA A 23 -23.41 6.26 -1.56
C ALA A 23 -23.04 7.62 -0.99
N ASP A 24 -22.99 7.73 0.33
CA ASP A 24 -22.73 9.01 1.00
C ASP A 24 -21.25 9.35 1.08
N PHE A 25 -20.39 8.33 1.10
CA PHE A 25 -18.95 8.55 1.15
C PHE A 25 -18.47 9.40 -0.02
N ASN A 26 -17.63 10.39 0.29
CA ASN A 26 -17.12 11.33 -0.71
C ASN A 26 -15.59 11.42 -0.62
N CYS A 27 -14.91 10.84 -1.60
CA CYS A 27 -13.44 10.82 -1.62
C CYS A 27 -12.84 12.21 -1.52
N ASN A 28 -13.41 13.18 -2.25
CA ASN A 28 -12.85 14.52 -2.33
C ASN A 28 -12.88 15.24 -0.99
N ARG A 29 -13.92 14.96 -0.20
CA ARG A 29 -14.02 15.48 1.15
C ARG A 29 -13.03 14.75 2.08
N THR A 30 -13.19 13.42 2.19
CA THR A 30 -12.45 12.62 3.16
C THR A 30 -10.92 12.59 2.97
N MET A 31 -10.45 12.38 1.73
CA MET A 31 -9.00 12.33 1.46
C MET A 31 -8.30 13.65 1.79
N ASN A 32 -9.08 14.73 1.85
CA ASN A 32 -8.52 16.05 2.13
C ASN A 32 -8.88 16.57 3.51
N ASP A 33 -9.51 15.71 4.31
CA ASP A 33 -9.96 16.08 5.65
C ASP A 33 -8.97 15.54 6.68
N PRO A 34 -8.25 16.45 7.38
CA PRO A 34 -7.24 16.00 8.36
C PRO A 34 -7.76 14.99 9.35
N ALA A 35 -9.05 15.08 9.69
CA ALA A 35 -9.67 14.20 10.67
C ALA A 35 -9.64 12.71 10.28
N TYR A 36 -9.48 12.42 8.99
CA TYR A 36 -9.49 11.04 8.48
C TYR A 36 -8.22 10.68 7.70
N THR A 37 -7.21 11.55 7.79
CA THR A 37 -6.00 11.38 7.02
C THR A 37 -4.77 11.62 7.90
N PRO A 38 -4.54 10.72 8.89
CA PRO A 38 -3.51 11.00 9.89
C PRO A 38 -2.07 10.95 9.34
N ASP A 39 -1.90 10.40 8.13
CA ASP A 39 -0.60 10.41 7.45
C ASP A 39 -0.41 11.57 6.48
N GLY A 40 -1.37 12.48 6.44
CA GLY A 40 -1.34 13.58 5.50
C GLY A 40 -2.48 13.48 4.49
N GLN A 41 -2.76 14.61 3.87
CA GLN A 41 -3.92 14.75 3.00
C GLN A 41 -3.52 14.60 1.53
N CYS A 42 -4.51 14.36 0.68
CA CYS A 42 -4.26 14.30 -0.77
C CYS A 42 -3.27 13.18 -1.16
N LYS A 43 -3.38 12.04 -0.50
CA LYS A 43 -2.53 10.90 -0.81
CA LYS A 43 -2.54 10.88 -0.80
C LYS A 43 -2.90 10.29 -2.17
N PRO A 44 -1.94 9.59 -2.84
CA PRO A 44 -2.22 9.02 -4.18
C PRO A 44 -3.28 7.94 -4.21
N ILE A 45 -3.48 7.27 -3.07
CA ILE A 45 -4.49 6.23 -2.93
C ILE A 45 -4.89 6.03 -1.47
N ASN A 46 -6.13 5.59 -1.26
CA ASN A 46 -6.51 5.01 0.03
C ASN A 46 -7.71 4.09 -0.13
N THR A 47 -7.71 3.05 0.68
CA THR A 47 -8.81 2.10 0.74
C THR A 47 -9.57 2.27 2.05
N PHE A 48 -10.87 2.53 1.92
CA PHE A 48 -11.78 2.69 3.06
C PHE A 48 -12.66 1.45 3.20
N ILE A 49 -12.72 0.92 4.42
CA ILE A 49 -13.54 -0.23 4.75
C ILE A 49 -14.88 0.27 5.31
N HIS A 50 -15.96 -0.08 4.64
CA HIS A 50 -17.30 0.26 5.10
C HIS A 50 -17.77 -0.79 6.08
N SER A 51 -17.43 -0.61 7.34
CA SER A 51 -17.76 -1.61 8.36
C SER A 51 -17.83 -0.98 9.73
N THR A 52 -18.60 -1.61 10.62
CA THR A 52 -18.40 -1.39 12.04
C THR A 52 -16.98 -1.85 12.41
N THR A 53 -16.43 -1.27 13.48
CA THR A 53 -15.05 -1.57 13.87
C THR A 53 -14.87 -2.98 14.44
N GLY A 54 -15.86 -3.48 15.16
CA GLY A 54 -15.81 -4.83 15.73
C GLY A 54 -15.42 -5.94 14.75
N PRO A 55 -16.22 -6.14 13.67
CA PRO A 55 -15.85 -7.11 12.65
C PRO A 55 -14.43 -6.95 12.06
N VAL A 56 -13.96 -5.72 11.86
CA VAL A 56 -12.57 -5.51 11.39
C VAL A 56 -11.56 -5.96 12.46
N LYS A 57 -11.84 -5.59 13.71
CA LYS A 57 -11.00 -6.00 14.82
C LYS A 57 -10.95 -7.53 14.98
N GLU A 58 -12.04 -8.20 14.63
CA GLU A 58 -12.05 -9.63 14.83
CA GLU A 58 -12.21 -9.66 14.71
C GLU A 58 -11.26 -10.42 13.78
N ILE A 59 -10.75 -9.72 12.77
CA ILE A 59 -9.75 -10.31 11.85
C ILE A 59 -8.54 -10.80 12.67
N CYS A 60 -8.26 -10.09 13.77
CA CYS A 60 -7.15 -10.37 14.67
C CYS A 60 -7.52 -11.21 15.91
N ARG A 61 -8.73 -11.73 15.96
CA ARG A 61 -9.19 -12.44 17.17
C ARG A 61 -8.27 -13.60 17.60
N ARG A 62 -7.70 -14.30 16.62
CA ARG A 62 -6.77 -15.40 16.91
C ARG A 62 -5.31 -15.00 16.73
N ALA A 63 -5.06 -13.71 16.45
CA ALA A 63 -3.70 -13.26 16.21
C ALA A 63 -2.95 -13.03 17.51
N THR A 64 -1.69 -13.44 17.53
CA THR A 64 -0.82 -13.19 18.66
C THR A 64 0.49 -12.62 18.13
N GLY A 65 1.05 -11.67 18.85
CA GLY A 65 2.21 -10.93 18.37
C GLY A 65 1.87 -10.09 17.15
N ARG A 66 2.90 -9.78 16.36
CA ARG A 66 2.73 -9.02 15.12
C ARG A 66 2.72 -9.94 13.90
N VAL A 67 1.58 -9.99 13.22
CA VAL A 67 1.38 -10.92 12.12
C VAL A 67 0.31 -10.39 11.15
N ASN A 68 0.57 -10.54 9.84
CA ASN A 68 -0.45 -10.21 8.84
C ASN A 68 -1.52 -11.28 8.81
N LYS A 69 -2.78 -10.84 8.87
CA LYS A 69 -3.94 -11.73 8.82
C LYS A 69 -4.89 -11.34 7.71
N SER A 70 -5.41 -12.33 7.00
CA SER A 70 -6.50 -12.12 6.03
C SER A 70 -7.83 -12.17 6.77
N SER A 71 -8.79 -11.34 6.34
CA SER A 71 -10.17 -11.44 6.81
C SER A 71 -10.77 -12.72 6.25
N THR A 72 -11.71 -13.31 6.98
CA THR A 72 -12.39 -14.53 6.54
C THR A 72 -13.62 -14.20 5.69
N GLN A 73 -14.12 -12.99 5.86
CA GLN A 73 -15.24 -12.53 5.05
CA GLN A 73 -15.28 -12.47 5.11
C GLN A 73 -14.83 -11.34 4.20
N GLN A 74 -15.62 -11.06 3.17
CA GLN A 74 -15.36 -9.92 2.31
C GLN A 74 -15.99 -8.66 2.91
N PHE A 75 -15.40 -7.51 2.58
CA PHE A 75 -15.90 -6.23 3.07
C PHE A 75 -16.22 -5.38 1.86
N THR A 76 -17.17 -4.46 2.02
CA THR A 76 -17.37 -3.41 1.03
C THR A 76 -16.26 -2.36 1.19
N LEU A 77 -15.59 -2.06 0.09
CA LEU A 77 -14.42 -1.17 0.08
C LEU A 77 -14.56 -0.03 -0.92
N THR A 78 -14.27 1.19 -0.49
CA THR A 78 -14.16 2.31 -1.40
C THR A 78 -12.69 2.62 -1.63
N THR A 79 -12.31 2.73 -2.89
CA THR A 79 -10.95 3.16 -3.25
C THR A 79 -11.00 4.60 -3.77
N CYS A 80 -10.19 5.45 -3.15
CA CYS A 80 -10.00 6.82 -3.62
C CYS A 80 -8.62 6.82 -4.26
N LYS A 81 -8.54 7.09 -5.55
CA LYS A 81 -7.27 6.97 -6.26
C LYS A 81 -7.10 7.99 -7.37
N ASN A 82 -5.83 8.16 -7.78
CA ASN A 82 -5.46 8.94 -8.96
C ASN A 82 -5.93 10.39 -8.90
N PRO A 83 -5.55 11.11 -7.83
CA PRO A 83 -6.00 12.48 -7.70
C PRO A 83 -5.44 13.38 -8.79
N ILE A 84 -6.28 14.32 -9.21
CA ILE A 84 -5.84 15.43 -10.05
C ILE A 84 -6.13 16.63 -9.19
N ARG A 85 -5.06 17.27 -8.71
CA ARG A 85 -5.15 18.34 -7.70
C ARG A 85 -6.08 17.95 -6.56
N CYS A 86 -5.84 16.77 -6.01
CA CYS A 86 -6.58 16.28 -4.84
C CYS A 86 -8.07 16.00 -5.11
N LYS A 87 -8.42 15.82 -6.38
CA LYS A 87 -9.78 15.40 -6.75
C LYS A 87 -9.68 13.99 -7.34
N TYR A 88 -10.47 13.07 -6.77
CA TYR A 88 -10.20 11.64 -6.90
C TYR A 88 -11.12 10.88 -7.84
N SER A 89 -10.63 9.76 -8.38
CA SER A 89 -11.52 8.74 -8.92
C SER A 89 -11.98 7.91 -7.71
N GLN A 90 -13.28 7.62 -7.67
CA GLN A 90 -13.87 6.87 -6.57
C GLN A 90 -14.57 5.64 -7.10
N SER A 91 -14.32 4.50 -6.47
CA SER A 91 -14.97 3.27 -6.90
C SER A 91 -15.14 2.36 -5.71
N ASN A 92 -16.03 1.39 -5.84
CA ASN A 92 -16.24 0.46 -4.74
C ASN A 92 -16.31 -0.97 -5.22
N THR A 93 -15.94 -1.86 -4.31
CA THR A 93 -15.96 -3.28 -4.59
C THR A 93 -16.06 -4.02 -3.27
N THR A 94 -16.22 -5.32 -3.36
CA THR A 94 -16.10 -6.15 -2.17
C THR A 94 -14.90 -7.04 -2.38
N ASN A 95 -14.17 -7.26 -1.29
CA ASN A 95 -13.03 -8.16 -1.29
C ASN A 95 -12.63 -8.44 0.15
N PHE A 96 -11.84 -9.50 0.32
CA PHE A 96 -11.15 -9.74 1.56
C PHE A 96 -10.12 -8.61 1.72
N ILE A 97 -9.64 -8.45 2.94
CA ILE A 97 -8.52 -7.53 3.19
C ILE A 97 -7.41 -8.25 3.96
N CYS A 98 -6.21 -7.71 3.83
CA CYS A 98 -5.04 -8.19 4.55
C CYS A 98 -4.56 -7.06 5.46
N ILE A 99 -4.54 -7.31 6.76
CA ILE A 99 -4.09 -6.29 7.74
C ILE A 99 -2.94 -6.81 8.60
N THR A 100 -2.17 -5.91 9.17
CA THR A 100 -1.21 -6.30 10.19
C THR A 100 -1.92 -6.22 11.53
N CYS A 101 -1.93 -7.34 12.25
CA CYS A 101 -2.41 -7.40 13.62
C CYS A 101 -1.23 -7.24 14.58
N ARG A 102 -1.39 -6.41 15.61
CA ARG A 102 -0.53 -6.53 16.78
C ARG A 102 -1.46 -7.01 17.88
N ASP A 103 -1.30 -8.27 18.27
CA ASP A 103 -2.25 -8.92 19.15
C ASP A 103 -3.67 -8.77 18.59
N ASN A 104 -4.63 -8.30 19.38
CA ASN A 104 -6.03 -8.18 18.96
CA ASN A 104 -6.03 -8.21 18.89
C ASN A 104 -6.31 -6.93 18.11
N TYR A 105 -5.28 -6.12 17.88
CA TYR A 105 -5.46 -4.82 17.20
C TYR A 105 -4.97 -4.77 15.76
N PRO A 106 -5.88 -4.43 14.81
CA PRO A 106 -5.43 -4.06 13.48
C PRO A 106 -4.57 -2.80 13.58
N VAL A 107 -3.36 -2.84 13.04
CA VAL A 107 -2.48 -1.68 13.08
C VAL A 107 -2.01 -1.20 11.71
N HIS A 108 -2.30 -1.97 10.65
CA HIS A 108 -1.87 -1.55 9.33
C HIS A 108 -2.66 -2.20 8.20
N PHE A 109 -3.02 -1.39 7.21
CA PHE A 109 -3.64 -1.92 6.00
C PHE A 109 -2.56 -2.35 5.03
N VAL A 110 -2.50 -3.64 4.73
CA VAL A 110 -1.46 -4.20 3.87
C VAL A 110 -1.90 -4.19 2.41
N LYS A 111 -3.03 -4.85 2.13
CA LYS A 111 -3.50 -4.99 0.77
C LYS A 111 -4.97 -5.40 0.76
N THR A 112 -5.65 -5.12 -0.36
CA THR A 112 -6.94 -5.73 -0.63
C THR A 112 -6.70 -7.17 -1.05
N GLY A 113 -7.70 -8.03 -0.82
CA GLY A 113 -7.56 -9.46 -1.12
C GLY A 113 -6.94 -10.16 0.07
N LYS A 114 -6.74 -11.47 -0.06
CA LYS A 114 -6.09 -12.25 1.00
C LYS A 114 -4.59 -11.89 1.08
N CYS A 115 -3.98 -12.13 2.23
CA CYS A 115 -2.55 -11.86 2.42
C CYS A 115 -1.68 -12.67 1.48
C ASP B 6 15.76 13.90 -6.14
N ARG B 7 15.19 14.38 -5.04
CA ARG B 7 15.36 13.76 -3.72
C ARG B 7 14.36 12.60 -3.58
N GLU B 8 13.12 12.87 -3.97
CA GLU B 8 12.06 11.87 -3.95
C GLU B 8 12.38 10.72 -4.90
N TRP B 9 12.96 11.04 -6.04
CA TRP B 9 13.39 10.02 -7.02
C TRP B 9 14.49 9.13 -6.45
N GLU B 10 15.48 9.73 -5.79
CA GLU B 10 16.53 8.96 -5.15
C GLU B 10 15.93 8.02 -4.11
N LYS B 11 15.00 8.53 -3.32
CA LYS B 11 14.31 7.76 -2.29
C LYS B 11 13.53 6.59 -2.94
N PHE B 12 12.81 6.90 -4.02
CA PHE B 12 12.07 5.87 -4.78
C PHE B 12 12.99 4.74 -5.27
N LYS B 13 14.11 5.09 -5.93
CA LYS B 13 15.06 4.06 -6.40
C LYS B 13 15.52 3.17 -5.25
N THR B 14 15.94 3.80 -4.15
CA THR B 14 16.41 3.12 -2.96
C THR B 14 15.36 2.13 -2.43
N LYS B 15 14.12 2.59 -2.32
CA LYS B 15 13.05 1.81 -1.71
C LYS B 15 12.43 0.79 -2.69
N HIS B 16 12.41 1.11 -3.98
CA HIS B 16 11.59 0.33 -4.93
C HIS B 16 12.25 -0.24 -6.19
N ILE B 17 13.50 0.12 -6.45
CA ILE B 17 14.20 -0.41 -7.62
C ILE B 17 15.41 -1.24 -7.18
N THR B 18 15.46 -2.48 -7.62
CA THR B 18 16.62 -3.33 -7.28
C THR B 18 17.48 -3.61 -8.52
N SER B 19 18.79 -3.56 -8.32
CA SER B 19 19.76 -3.88 -9.35
C SER B 19 20.07 -5.38 -9.40
N GLN B 20 19.52 -6.13 -8.45
CA GLN B 20 19.75 -7.57 -8.33
C GLN B 20 18.78 -8.39 -9.16
N SER B 21 19.21 -9.58 -9.53
CA SER B 21 18.36 -10.54 -10.25
C SER B 21 17.28 -11.10 -9.33
N VAL B 22 16.27 -11.71 -9.94
CA VAL B 22 15.19 -12.39 -9.23
C VAL B 22 15.75 -13.44 -8.25
N ALA B 23 16.73 -14.22 -8.73
CA ALA B 23 17.36 -15.29 -7.94
C ALA B 23 18.25 -14.76 -6.81
N ASP B 24 18.98 -13.68 -7.07
CA ASP B 24 19.90 -13.13 -6.08
C ASP B 24 19.22 -12.27 -5.01
N PHE B 25 18.13 -11.58 -5.35
CA PHE B 25 17.42 -10.73 -4.40
C PHE B 25 16.98 -11.47 -3.14
N ASN B 26 17.18 -10.85 -1.99
CA ASN B 26 16.82 -11.48 -0.73
C ASN B 26 16.01 -10.52 0.14
N CYS B 27 14.71 -10.81 0.28
CA CYS B 27 13.81 -9.98 1.10
C CYS B 27 14.29 -9.78 2.51
N ASN B 28 14.79 -10.85 3.14
CA ASN B 28 15.18 -10.80 4.55
C ASN B 28 16.34 -9.86 4.80
N ARG B 29 17.24 -9.77 3.82
CA ARG B 29 18.35 -8.82 3.88
C ARG B 29 17.87 -7.39 3.57
N THR B 30 17.19 -7.21 2.44
CA THR B 30 16.86 -5.86 1.93
C THR B 30 15.81 -5.13 2.77
N MET B 31 14.72 -5.82 3.12
CA MET B 31 13.66 -5.26 3.97
C MET B 31 14.13 -4.82 5.36
N ASN B 32 15.29 -5.32 5.77
CA ASN B 32 15.83 -5.00 7.09
C ASN B 32 17.11 -4.17 7.05
N ASP B 33 17.48 -3.72 5.86
CA ASP B 33 18.65 -2.91 5.66
C ASP B 33 18.22 -1.45 5.58
N PRO B 34 18.65 -0.61 6.55
CA PRO B 34 18.34 0.81 6.51
C PRO B 34 18.71 1.49 5.19
N ALA B 35 19.71 0.95 4.49
CA ALA B 35 20.15 1.53 3.22
C ALA B 35 19.09 1.50 2.11
N TYR B 36 18.13 0.58 2.23
CA TYR B 36 17.08 0.41 1.22
C TYR B 36 15.68 0.56 1.82
N THR B 37 15.63 1.03 3.05
CA THR B 37 14.36 1.17 3.76
C THR B 37 14.25 2.53 4.44
N PRO B 38 14.13 3.61 3.62
CA PRO B 38 14.14 4.98 4.16
C PRO B 38 12.89 5.32 4.97
N ASP B 39 11.86 4.48 4.88
CA ASP B 39 10.64 4.67 5.67
C ASP B 39 10.58 3.81 6.93
N GLY B 40 11.65 3.05 7.19
CA GLY B 40 11.68 2.14 8.34
C GLY B 40 11.84 0.70 7.91
N GLN B 41 12.39 -0.11 8.81
CA GLN B 41 12.72 -1.49 8.51
C GLN B 41 11.55 -2.42 8.81
N CYS B 42 11.59 -3.63 8.26
CA CYS B 42 10.64 -4.69 8.63
C CYS B 42 9.17 -4.32 8.37
N LYS B 43 8.92 -3.62 7.26
CA LYS B 43 7.56 -3.23 6.87
C LYS B 43 6.73 -4.46 6.47
N PRO B 44 5.39 -4.40 6.63
CA PRO B 44 4.44 -5.47 6.26
C PRO B 44 4.51 -5.98 4.83
N ILE B 45 4.88 -5.09 3.91
CA ILE B 45 4.93 -5.39 2.47
C ILE B 45 5.80 -4.34 1.76
N ASN B 46 6.45 -4.75 0.69
CA ASN B 46 7.09 -3.83 -0.24
C ASN B 46 7.33 -4.54 -1.57
N THR B 47 7.19 -3.78 -2.64
CA THR B 47 7.35 -4.31 -3.99
C THR B 47 8.64 -3.73 -4.57
N PHE B 48 9.49 -4.62 -5.03
CA PHE B 48 10.74 -4.23 -5.67
C PHE B 48 10.66 -4.46 -7.18
N ILE B 49 11.11 -3.47 -7.94
CA ILE B 49 11.10 -3.52 -9.40
C ILE B 49 12.49 -3.94 -9.87
N HIS B 50 12.54 -5.02 -10.64
CA HIS B 50 13.80 -5.50 -11.19
C HIS B 50 13.99 -4.82 -12.53
N SER B 51 14.55 -3.63 -12.51
CA SER B 51 14.73 -2.88 -13.75
C SER B 51 15.89 -1.92 -13.60
N THR B 52 16.46 -1.53 -14.74
CA THR B 52 17.27 -0.32 -14.77
C THR B 52 16.31 0.84 -14.53
N THR B 53 16.86 1.94 -14.05
CA THR B 53 16.05 3.07 -13.61
C THR B 53 15.39 3.80 -14.78
N GLY B 54 16.07 3.83 -15.92
CA GLY B 54 15.60 4.52 -17.11
C GLY B 54 14.21 4.13 -17.59
N PRO B 55 13.99 2.82 -17.85
CA PRO B 55 12.63 2.35 -18.15
C PRO B 55 11.57 2.73 -17.09
N VAL B 56 11.95 2.77 -15.81
CA VAL B 56 11.02 3.16 -14.75
C VAL B 56 10.74 4.67 -14.83
N LYS B 57 11.80 5.47 -14.90
CA LYS B 57 11.67 6.91 -15.07
C LYS B 57 10.80 7.28 -16.27
N GLU B 58 10.93 6.53 -17.35
CA GLU B 58 10.19 6.83 -18.57
C GLU B 58 8.67 6.57 -18.48
N ILE B 59 8.23 5.90 -17.42
CA ILE B 59 6.79 5.86 -17.10
C ILE B 59 6.24 7.30 -17.06
N CYS B 60 7.07 8.22 -16.56
CA CYS B 60 6.75 9.62 -16.41
C CYS B 60 7.15 10.51 -17.59
N ARG B 61 7.52 9.89 -18.71
CA ARG B 61 8.02 10.60 -19.91
C ARG B 61 7.17 11.82 -20.31
N ARG B 62 5.85 11.64 -20.32
CA ARG B 62 4.97 12.72 -20.74
C ARG B 62 4.18 13.34 -19.58
N ALA B 63 4.57 13.00 -18.35
CA ALA B 63 3.86 13.51 -17.16
C ALA B 63 4.28 14.94 -16.84
N THR B 64 3.31 15.76 -16.46
CA THR B 64 3.60 17.11 -16.01
C THR B 64 2.84 17.35 -14.71
N GLY B 65 3.46 18.07 -13.78
CA GLY B 65 2.91 18.22 -12.44
C GLY B 65 2.86 16.88 -11.73
N ARG B 66 1.93 16.74 -10.78
CA ARG B 66 1.86 15.56 -9.95
C ARG B 66 0.66 14.73 -10.36
N VAL B 67 0.92 13.53 -10.86
CA VAL B 67 -0.11 12.70 -11.47
C VAL B 67 0.30 11.24 -11.39
N ASN B 68 -0.65 10.36 -11.05
CA ASN B 68 -0.41 8.93 -11.09
C ASN B 68 -0.34 8.45 -12.55
N LYS B 69 0.66 7.63 -12.87
CA LYS B 69 0.78 7.04 -14.22
C LYS B 69 0.91 5.52 -14.15
N SER B 70 0.23 4.83 -15.07
CA SER B 70 0.39 3.40 -15.26
C SER B 70 1.58 3.18 -16.17
N SER B 71 2.38 2.15 -15.89
CA SER B 71 3.38 1.72 -16.85
C SER B 71 2.67 1.07 -18.05
N THR B 72 3.25 1.28 -19.23
CA THR B 72 2.76 0.61 -20.44
CA THR B 72 2.79 0.64 -20.47
C THR B 72 3.37 -0.76 -20.53
N GLN B 73 4.62 -0.88 -20.10
CA GLN B 73 5.31 -2.16 -20.09
C GLN B 73 5.10 -2.82 -18.74
N GLN B 74 5.17 -4.14 -18.73
CA GLN B 74 5.20 -4.89 -17.48
C GLN B 74 6.63 -5.01 -16.98
N PHE B 75 6.77 -5.07 -15.67
CA PHE B 75 8.07 -5.16 -15.02
C PHE B 75 8.12 -6.44 -14.22
N THR B 76 9.35 -6.95 -14.03
CA THR B 76 9.56 -8.08 -13.14
C THR B 76 9.60 -7.52 -11.73
N LEU B 77 8.80 -8.12 -10.86
CA LEU B 77 8.56 -7.58 -9.52
C LEU B 77 8.74 -8.64 -8.44
N THR B 78 9.45 -8.28 -7.38
CA THR B 78 9.47 -9.14 -6.19
C THR B 78 8.68 -8.45 -5.11
N THR B 79 7.77 -9.21 -4.50
CA THR B 79 7.00 -8.75 -3.37
C THR B 79 7.53 -9.44 -2.13
N CYS B 80 7.91 -8.64 -1.14
CA CYS B 80 8.28 -9.11 0.16
C CYS B 80 7.10 -8.78 1.05
N LYS B 81 6.49 -9.79 1.65
CA LYS B 81 5.30 -9.54 2.46
C LYS B 81 5.13 -10.57 3.57
N ASN B 82 4.22 -10.26 4.50
CA ASN B 82 3.80 -11.18 5.56
C ASN B 82 4.96 -11.67 6.41
N PRO B 83 5.75 -10.71 6.97
CA PRO B 83 6.91 -11.13 7.76
C PRO B 83 6.51 -11.85 9.04
N ILE B 84 7.32 -12.84 9.42
CA ILE B 84 7.28 -13.41 10.75
C ILE B 84 8.62 -13.04 11.36
N ARG B 85 8.61 -12.14 12.35
CA ARG B 85 9.85 -11.61 12.95
C ARG B 85 10.80 -11.11 11.86
N CYS B 86 10.25 -10.34 10.91
CA CYS B 86 11.02 -9.72 9.84
C CYS B 86 11.68 -10.72 8.87
N LYS B 87 11.13 -11.93 8.83
CA LYS B 87 11.50 -12.92 7.81
C LYS B 87 10.29 -13.09 6.90
N TYR B 88 10.52 -12.95 5.60
CA TYR B 88 9.45 -12.69 4.65
C TYR B 88 9.07 -13.83 3.74
N SER B 89 7.82 -13.77 3.30
CA SER B 89 7.39 -14.50 2.12
CA SER B 89 7.37 -14.49 2.14
C SER B 89 7.84 -13.69 0.93
N GLN B 90 8.60 -14.34 0.06
CA GLN B 90 9.16 -13.70 -1.12
C GLN B 90 8.55 -14.35 -2.35
N SER B 91 8.00 -13.55 -3.24
CA SER B 91 7.45 -14.09 -4.48
C SER B 91 7.71 -13.12 -5.62
N ASN B 92 7.72 -13.65 -6.85
CA ASN B 92 7.97 -12.83 -8.04
CA ASN B 92 7.90 -12.76 -7.98
C ASN B 92 6.84 -12.93 -9.05
N THR B 93 6.55 -11.82 -9.70
CA THR B 93 5.53 -11.75 -10.74
C THR B 93 6.03 -10.78 -11.81
N THR B 94 5.35 -10.77 -12.94
CA THR B 94 5.49 -9.69 -13.91
CA THR B 94 5.49 -9.73 -13.95
C THR B 94 4.14 -8.99 -14.00
N ASN B 95 4.18 -7.67 -13.93
CA ASN B 95 2.96 -6.88 -13.98
C ASN B 95 3.25 -5.43 -14.34
N PHE B 96 2.22 -4.71 -14.76
CA PHE B 96 2.30 -3.26 -14.84
C PHE B 96 2.45 -2.74 -13.42
N ILE B 97 2.82 -1.48 -13.30
CA ILE B 97 2.88 -0.81 -12.01
C ILE B 97 2.21 0.55 -12.13
N CYS B 98 1.76 1.06 -10.98
CA CYS B 98 1.16 2.37 -10.88
C CYS B 98 2.03 3.23 -9.97
N ILE B 99 2.51 4.36 -10.49
CA ILE B 99 3.38 5.24 -9.72
C ILE B 99 2.88 6.69 -9.74
N THR B 100 3.29 7.47 -8.75
CA THR B 100 3.06 8.91 -8.77
C THR B 100 4.28 9.56 -9.42
N CYS B 101 4.04 10.33 -10.46
CA CYS B 101 5.07 11.10 -11.16
C CYS B 101 4.99 12.52 -10.66
N ARG B 102 6.15 13.14 -10.49
CA ARG B 102 6.26 14.56 -10.31
C ARG B 102 7.06 15.01 -11.52
N ASP B 103 6.39 15.61 -12.49
CA ASP B 103 7.00 15.86 -13.79
C ASP B 103 7.66 14.57 -14.29
N ASN B 104 8.94 14.62 -14.66
CA ASN B 104 9.63 13.47 -15.25
C ASN B 104 10.09 12.40 -14.25
N TYR B 105 9.77 12.58 -12.97
CA TYR B 105 10.31 11.72 -11.91
C TYR B 105 9.26 10.89 -11.16
N PRO B 106 9.45 9.55 -11.11
CA PRO B 106 8.73 8.72 -10.15
C PRO B 106 9.06 9.17 -8.73
N VAL B 107 8.04 9.47 -7.94
CA VAL B 107 8.26 9.93 -6.56
C VAL B 107 7.54 9.06 -5.52
N HIS B 108 6.69 8.14 -6.00
CA HIS B 108 5.95 7.28 -5.10
C HIS B 108 5.45 6.01 -5.79
N PHE B 109 5.61 4.87 -5.12
CA PHE B 109 5.03 3.62 -5.61
C PHE B 109 3.60 3.48 -5.09
N VAL B 110 2.63 3.49 -5.99
CA VAL B 110 1.22 3.43 -5.57
C VAL B 110 0.79 1.98 -5.35
N LYS B 111 0.96 1.15 -6.37
CA LYS B 111 0.52 -0.23 -6.34
C LYS B 111 0.97 -0.97 -7.58
N THR B 112 0.94 -2.30 -7.50
CA THR B 112 1.10 -3.16 -8.66
CA THR B 112 1.12 -3.15 -8.68
C THR B 112 -0.15 -3.04 -9.53
N GLY B 113 -0.01 -3.32 -10.82
CA GLY B 113 -1.12 -3.24 -11.75
C GLY B 113 -1.26 -1.84 -12.29
N LYS B 114 -2.14 -1.69 -13.28
CA LYS B 114 -2.47 -0.35 -13.81
C LYS B 114 -3.13 0.50 -12.72
N CYS B 115 -2.94 1.82 -12.80
CA CYS B 115 -3.57 2.77 -11.87
C CYS B 115 -5.09 2.65 -11.92
NA NA C . -15.75 -9.38 -4.68
C1 CIT D . -1.62 2.48 4.36
O1 CIT D . -2.34 2.85 5.30
O2 CIT D . -0.41 2.73 4.33
C2 CIT D . -2.24 1.69 3.21
C3 CIT D . -2.13 2.45 1.88
O7 CIT D . -2.70 3.74 2.03
C4 CIT D . -2.79 1.70 0.72
C5 CIT D . -4.30 1.67 0.77
O3 CIT D . -4.94 2.43 1.55
O4 CIT D . -4.89 0.91 -0.03
C6 CIT D . -0.67 2.59 1.47
O5 CIT D . 0.03 1.56 1.42
O6 CIT D . -0.22 3.73 1.21
NA NA E . 5.19 -0.69 2.80
NA NA F . 4.26 5.10 -20.50
C1 CIT G . 5.25 2.74 -0.53
O1 CIT G . 4.69 3.30 0.44
O2 CIT G . 6.41 3.07 -0.86
C2 CIT G . 4.52 1.66 -1.31
C3 CIT G . 4.09 0.48 -0.42
O7 CIT G . 5.27 -0.01 0.24
C4 CIT G . 3.43 -0.67 -1.18
C5 CIT G . 4.35 -1.56 -1.99
O3 CIT G . 5.59 -1.41 -1.88
O4 CIT G . 3.81 -2.41 -2.74
C6 CIT G . 3.05 0.93 0.58
O5 CIT G . 2.03 1.50 0.15
O6 CIT G . 3.25 0.72 1.80
C1 CIT H . 6.46 2.58 -19.68
O1 CIT H . 5.41 3.22 -19.48
O2 CIT H . 6.57 1.38 -19.35
C2 CIT H . 7.63 3.28 -20.35
C3 CIT H . 7.48 3.30 -21.87
O7 CIT H . 6.10 3.54 -22.21
C4 CIT H . 7.92 1.94 -22.44
C5 CIT H . 7.48 1.67 -23.86
O3 CIT H . 7.89 0.61 -24.38
O4 CIT H . 6.74 2.46 -24.48
C6 CIT H . 8.30 4.45 -22.42
O5 CIT H . 7.72 5.53 -22.67
O6 CIT H . 9.53 4.32 -22.58
#